data_7KQ2
#
_entry.id   7KQ2
#
_cell.length_a   54.898
_cell.length_b   54.898
_cell.length_c   333.279
_cell.angle_alpha   90.000
_cell.angle_beta   90.000
_cell.angle_gamma   120.000
#
_symmetry.space_group_name_H-M   'P 65 2 2'
#
loop_
_entity.id
_entity.type
_entity.pdbx_description
1 polymer HupZ
2 non-polymer 'SULFATE ION'
3 non-polymer GLYCEROL
4 water water
#
_entity_poly.entity_id   1
_entity_poly.type   'polypeptide(L)'
_entity_poly.pdbx_seq_one_letter_code
;MITQEMKDLINNQLAMVATVDAKGQPNIGPKRSMRLWDDKTFIYNENTDGQTRINIEDNGKIEIAFVDRERLLGYRFVGT
AEIQTEGAYYEAAKKWAQGRMGVPKAVGIIAVERIFNLQSGANAGKEINSESNKGELNSKLEGKPIPNPLLGLDSTRTGH
HHHHH
;
_entity_poly.pdbx_strand_id   A,B
#
loop_
_chem_comp.id
_chem_comp.type
_chem_comp.name
_chem_comp.formula
GOL non-polymer GLYCEROL 'C3 H8 O3'
SO4 non-polymer 'SULFATE ION' 'O4 S -2'
#
# COMPACT_ATOMS: atom_id res chain seq x y z
N MET A 1 13.62 9.21 -16.83
CA MET A 1 12.24 9.07 -16.39
C MET A 1 11.99 7.66 -15.85
N ILE A 2 11.12 6.91 -16.51
CA ILE A 2 10.84 5.54 -16.09
C ILE A 2 11.77 4.54 -16.77
N THR A 3 12.68 3.98 -15.99
CA THR A 3 13.71 3.07 -16.50
C THR A 3 13.16 1.71 -16.86
N GLN A 4 13.94 0.96 -17.64
CA GLN A 4 13.52 -0.37 -18.10
C GLN A 4 13.28 -1.34 -16.95
N GLU A 5 14.08 -1.23 -15.87
CA GLU A 5 13.88 -2.11 -14.72
C GLU A 5 12.59 -1.75 -13.98
N MET A 6 12.25 -0.47 -13.99
CA MET A 6 10.95 -0.02 -13.49
C MET A 6 9.82 -0.66 -14.27
N LYS A 7 9.97 -0.69 -15.59
CA LYS A 7 8.95 -1.29 -16.44
C LYS A 7 8.86 -2.80 -16.18
N ASP A 8 9.98 -3.42 -15.82
CA ASP A 8 9.97 -4.85 -15.53
C ASP A 8 9.12 -5.12 -14.31
N LEU A 9 9.27 -4.27 -13.29
CA LEU A 9 8.53 -4.43 -12.05
C LEU A 9 7.06 -4.09 -12.24
N ILE A 10 6.78 -3.04 -13.01
CA ILE A 10 5.41 -2.65 -13.26
C ILE A 10 4.65 -3.77 -13.97
N ASN A 11 5.31 -4.42 -14.91
CA ASN A 11 4.66 -5.44 -15.72
C ASN A 11 4.58 -6.81 -15.04
N ASN A 12 5.41 -7.02 -14.03
CA ASN A 12 5.47 -8.33 -13.38
C ASN A 12 5.03 -8.35 -11.91
N GLN A 13 4.92 -7.17 -11.30
CA GLN A 13 4.56 -7.11 -9.89
C GLN A 13 3.17 -6.48 -9.70
N LEU A 14 2.59 -6.73 -8.54
CA LEU A 14 1.23 -6.29 -8.25
C LEU A 14 1.23 -4.86 -7.75
N ALA A 15 0.51 -3.99 -8.44
CA ALA A 15 0.40 -2.59 -8.02
C ALA A 15 -0.39 -2.47 -6.72
N MET A 16 0.26 -1.96 -5.69
CA MET A 16 -0.39 -1.63 -4.44
C MET A 16 -0.64 -0.13 -4.40
N VAL A 17 -1.91 0.24 -4.27
CA VAL A 17 -2.33 1.62 -4.45
C VAL A 17 -2.79 2.25 -3.14
N ALA A 18 -2.07 3.29 -2.71
CA ALA A 18 -2.46 4.02 -1.50
C ALA A 18 -3.06 5.35 -1.81
N THR A 19 -4.15 5.62 -1.10
CA THR A 19 -4.91 6.86 -1.22
C THR A 19 -5.33 7.29 0.18
N VAL A 20 -6.10 8.37 0.28
CA VAL A 20 -6.53 8.85 1.60
C VAL A 20 -7.95 9.42 1.48
N ASP A 21 -8.78 9.24 2.51
CA ASP A 21 -10.13 9.80 2.44
C ASP A 21 -10.18 11.22 2.99
N ALA A 22 -11.38 11.79 3.04
CA ALA A 22 -11.56 13.20 3.37
C ALA A 22 -11.19 13.46 4.82
N LYS A 23 -11.20 12.40 5.62
CA LYS A 23 -10.89 12.48 7.05
C LYS A 23 -9.42 12.15 7.36
N GLY A 24 -8.65 11.77 6.36
CA GLY A 24 -7.21 11.57 6.55
C GLY A 24 -6.81 10.13 6.79
N GLN A 25 -7.77 9.23 6.70
CA GLN A 25 -7.52 7.79 6.82
C GLN A 25 -6.92 7.22 5.54
N PRO A 26 -5.69 6.70 5.62
CA PRO A 26 -5.12 6.06 4.44
C PRO A 26 -5.86 4.78 4.07
N ASN A 27 -5.90 4.51 2.78
CA ASN A 27 -6.43 3.28 2.24
C ASN A 27 -5.38 2.64 1.36
N ILE A 28 -5.39 1.32 1.28
CA ILE A 28 -4.48 0.66 0.35
C ILE A 28 -5.17 -0.58 -0.21
N GLY A 29 -5.01 -0.81 -1.50
CA GLY A 29 -5.54 -2.00 -2.12
C GLY A 29 -4.81 -2.26 -3.42
N PRO A 30 -4.82 -3.52 -3.88
CA PRO A 30 -4.15 -3.94 -5.11
C PRO A 30 -4.93 -3.55 -6.38
N LYS A 31 -4.24 -3.26 -7.47
CA LYS A 31 -4.92 -3.07 -8.76
C LYS A 31 -4.18 -3.84 -9.85
N ARG A 32 -4.76 -4.97 -10.25
CA ARG A 32 -4.11 -5.86 -11.21
C ARG A 32 -3.97 -5.19 -12.59
N SER A 33 -4.90 -4.28 -12.93
CA SER A 33 -4.90 -3.66 -14.27
C SER A 33 -4.02 -2.41 -14.41
N MET A 34 -3.35 -2.02 -13.33
CA MET A 34 -2.44 -0.89 -13.38
C MET A 34 -1.34 -1.08 -14.43
N ARG A 35 -1.11 -0.05 -15.23
CA ARG A 35 -0.17 -0.16 -16.33
C ARG A 35 0.31 1.22 -16.78
N LEU A 36 1.47 1.26 -17.43
CA LEU A 36 1.98 2.50 -18.00
C LEU A 36 1.18 2.87 -19.24
N TRP A 37 0.62 4.07 -19.24
CA TRP A 37 -0.01 4.60 -20.46
C TRP A 37 1.08 5.18 -21.38
N ASP A 38 1.93 6.01 -20.80
CA ASP A 38 3.18 6.43 -21.44
C ASP A 38 4.23 6.63 -20.35
N ASP A 39 5.35 7.26 -20.69
CA ASP A 39 6.47 7.39 -19.74
C ASP A 39 6.20 8.36 -18.59
N LYS A 40 5.01 8.98 -18.58
CA LYS A 40 4.69 9.96 -17.54
C LYS A 40 3.32 9.67 -16.88
N THR A 41 2.68 8.60 -17.31
CA THR A 41 1.28 8.38 -16.94
C THR A 41 0.94 6.91 -16.71
N PHE A 42 0.31 6.63 -15.57
CA PHE A 42 -0.28 5.32 -15.33
C PHE A 42 -1.77 5.39 -15.62
N ILE A 43 -2.33 4.28 -16.07
CA ILE A 43 -3.78 4.15 -16.10
C ILE A 43 -4.13 2.76 -15.59
N TYR A 44 -5.35 2.63 -15.08
CA TYR A 44 -5.83 1.35 -14.63
C TYR A 44 -7.34 1.30 -14.85
N ASN A 45 -7.89 0.09 -14.90
CA ASN A 45 -9.32 -0.07 -15.07
C ASN A 45 -10.04 -0.14 -13.74
N GLU A 46 -10.95 0.81 -13.52
CA GLU A 46 -11.70 0.82 -12.26
C GLU A 46 -12.93 -0.07 -12.41
N ASN A 47 -12.89 -1.22 -11.75
CA ASN A 47 -13.95 -2.22 -11.85
C ASN A 47 -14.93 -2.18 -10.68
N THR A 48 -14.72 -1.27 -9.73
CA THR A 48 -15.45 -1.26 -8.47
C THR A 48 -16.04 0.10 -8.13
N ASP A 49 -16.76 0.17 -7.01
CA ASP A 49 -17.16 1.43 -6.41
C ASP A 49 -16.45 1.55 -5.06
N GLY A 50 -15.21 1.05 -5.00
CA GLY A 50 -14.48 0.93 -3.75
C GLY A 50 -13.85 2.20 -3.22
N GLN A 51 -13.17 2.07 -2.09
CA GLN A 51 -12.60 3.20 -1.37
C GLN A 51 -11.46 3.87 -2.15
N THR A 52 -10.66 3.11 -2.86
CA THR A 52 -9.60 3.68 -3.68
C THR A 52 -10.22 4.67 -4.68
N ARG A 53 -11.28 4.23 -5.36
CA ARG A 53 -11.96 5.07 -6.33
C ARG A 53 -12.50 6.36 -5.70
N ILE A 54 -13.21 6.19 -4.60
CA ILE A 54 -13.80 7.31 -3.86
C ILE A 54 -12.72 8.29 -3.42
N ASN A 55 -11.61 7.78 -2.89
CA ASN A 55 -10.54 8.66 -2.44
C ASN A 55 -9.92 9.46 -3.60
N ILE A 56 -9.64 8.81 -4.73
CA ILE A 56 -9.11 9.52 -5.90
C ILE A 56 -10.09 10.61 -6.35
N GLU A 57 -11.38 10.30 -6.32
CA GLU A 57 -12.41 11.25 -6.74
C GLU A 57 -12.42 12.45 -5.82
N ASP A 58 -12.27 12.16 -4.53
CA ASP A 58 -12.28 13.16 -3.47
C ASP A 58 -11.15 14.19 -3.57
N ASN A 59 -9.91 13.73 -3.81
CA ASN A 59 -8.76 14.61 -3.64
C ASN A 59 -7.57 14.35 -4.57
N GLY A 60 -7.63 13.26 -5.34
CA GLY A 60 -6.61 12.97 -6.33
C GLY A 60 -5.25 12.53 -5.83
N LYS A 61 -5.08 12.43 -4.51
CA LYS A 61 -3.78 12.09 -3.94
C LYS A 61 -3.50 10.60 -4.04
N ILE A 62 -2.31 10.23 -4.49
CA ILE A 62 -2.03 8.81 -4.67
C ILE A 62 -0.55 8.49 -4.59
N GLU A 63 -0.27 7.25 -4.22
CA GLU A 63 1.05 6.68 -4.41
C GLU A 63 0.87 5.23 -4.85
N ILE A 64 1.69 4.78 -5.80
CA ILE A 64 1.62 3.40 -6.26
C ILE A 64 2.95 2.73 -5.95
N ALA A 65 2.89 1.55 -5.34
CA ALA A 65 4.12 0.80 -5.07
C ALA A 65 4.14 -0.53 -5.80
N PHE A 66 5.34 -0.94 -6.21
CA PHE A 66 5.59 -2.24 -6.78
C PHE A 66 6.76 -2.86 -6.02
N VAL A 67 6.62 -4.10 -5.59
CA VAL A 67 7.71 -4.76 -4.87
C VAL A 67 7.99 -6.16 -5.42
N ASP A 68 9.25 -6.37 -5.76
CA ASP A 68 9.79 -7.69 -6.08
C ASP A 68 10.37 -8.29 -4.80
N ARG A 69 9.59 -9.12 -4.10
CA ARG A 69 10.08 -9.76 -2.87
C ARG A 69 11.35 -10.55 -3.13
N GLU A 70 11.40 -11.24 -4.27
CA GLU A 70 12.52 -12.09 -4.64
C GLU A 70 13.86 -11.36 -4.63
N ARG A 71 13.91 -10.11 -5.11
CA ARG A 71 15.18 -9.39 -5.17
C ARG A 71 15.24 -8.23 -4.17
N LEU A 72 14.23 -8.14 -3.31
CA LEU A 72 14.11 -7.05 -2.34
C LEU A 72 14.30 -5.66 -3.01
N LEU A 73 13.71 -5.51 -4.20
CA LEU A 73 13.73 -4.27 -4.98
C LEU A 73 12.32 -3.70 -5.13
N GLY A 74 12.20 -2.38 -5.22
CA GLY A 74 10.89 -1.80 -5.42
C GLY A 74 10.92 -0.34 -5.81
N TYR A 75 9.77 0.16 -6.25
CA TYR A 75 9.62 1.56 -6.60
C TYR A 75 8.29 2.11 -6.11
N ARG A 76 8.32 3.37 -5.68
CA ARG A 76 7.14 4.11 -5.27
C ARG A 76 6.92 5.23 -6.26
N PHE A 77 5.70 5.38 -6.75
CA PHE A 77 5.42 6.44 -7.72
C PHE A 77 4.43 7.41 -7.10
N VAL A 78 4.84 8.66 -6.97
CA VAL A 78 3.96 9.71 -6.45
C VAL A 78 3.30 10.42 -7.61
N GLY A 79 1.99 10.67 -7.52
CA GLY A 79 1.33 11.37 -8.59
C GLY A 79 0.01 12.00 -8.22
N THR A 80 -0.70 12.55 -9.20
CA THR A 80 -2.05 13.00 -8.95
C THR A 80 -2.98 12.20 -9.85
N ALA A 81 -4.12 11.81 -9.30
CA ALA A 81 -4.99 10.88 -10.00
C ALA A 81 -6.37 11.46 -10.25
N GLU A 82 -7.05 10.94 -11.26
CA GLU A 82 -8.45 11.27 -11.47
C GLU A 82 -9.18 10.05 -12.01
N ILE A 83 -10.49 10.06 -11.81
CA ILE A 83 -11.40 9.05 -12.34
C ILE A 83 -12.19 9.65 -13.51
N GLN A 84 -12.26 8.94 -14.63
CA GLN A 84 -13.13 9.37 -15.73
C GLN A 84 -14.04 8.21 -16.15
N THR A 85 -15.27 8.53 -16.50
CA THR A 85 -16.27 7.52 -16.87
C THR A 85 -16.68 7.62 -18.35
N GLU A 86 -16.05 8.54 -19.07
CA GLU A 86 -16.25 8.70 -20.51
C GLU A 86 -15.07 9.46 -21.13
N GLY A 87 -14.97 9.42 -22.45
CA GLY A 87 -13.88 10.12 -23.11
C GLY A 87 -12.78 9.17 -23.54
N ALA A 88 -11.67 9.75 -23.99
CA ALA A 88 -10.60 9.05 -24.68
C ALA A 88 -9.92 7.99 -23.81
N TYR A 89 -9.57 8.36 -22.58
CA TYR A 89 -8.94 7.43 -21.68
C TYR A 89 -9.89 6.27 -21.39
N TYR A 90 -11.15 6.58 -21.11
CA TYR A 90 -12.13 5.55 -20.79
C TYR A 90 -12.36 4.59 -21.95
N GLU A 91 -12.42 5.11 -23.17
CA GLU A 91 -12.56 4.30 -24.36
CA GLU A 91 -12.59 4.24 -24.33
C GLU A 91 -11.35 3.38 -24.54
N ALA A 92 -10.17 3.92 -24.27
CA ALA A 92 -8.93 3.13 -24.36
C ALA A 92 -8.95 1.98 -23.34
N ALA A 93 -9.41 2.30 -22.13
CA ALA A 93 -9.54 1.30 -21.07
C ALA A 93 -10.53 0.21 -21.44
N LYS A 94 -11.66 0.63 -22.02
CA LYS A 94 -12.70 -0.31 -22.41
C LYS A 94 -12.20 -1.27 -23.47
N LYS A 95 -11.38 -0.76 -24.40
CA LYS A 95 -10.81 -1.58 -25.45
C LYS A 95 -9.78 -2.57 -24.89
N TRP A 96 -8.92 -2.07 -24.02
CA TRP A 96 -7.92 -2.91 -23.36
C TRP A 96 -8.56 -4.07 -22.58
N ALA A 97 -9.72 -3.83 -21.98
CA ALA A 97 -10.37 -4.86 -21.16
C ALA A 97 -10.92 -6.03 -21.98
N GLN A 98 -11.17 -5.82 -23.26
CA GLN A 98 -11.71 -6.89 -24.11
C GLN A 98 -10.73 -8.06 -24.18
N GLY A 99 -11.20 -9.23 -23.76
CA GLY A 99 -10.34 -10.40 -23.70
C GLY A 99 -9.53 -10.50 -22.41
N ARG A 100 -9.76 -9.58 -21.48
CA ARG A 100 -8.99 -9.54 -20.22
C ARG A 100 -9.87 -9.56 -18.97
N MET A 101 -11.00 -8.85 -19.04
CA MET A 101 -11.87 -8.65 -17.89
C MET A 101 -13.17 -8.01 -18.35
N GLY A 102 -14.10 -7.76 -17.43
CA GLY A 102 -15.34 -7.10 -17.77
C GLY A 102 -15.16 -5.66 -18.24
N VAL A 103 -16.24 -5.08 -18.74
CA VAL A 103 -16.24 -3.67 -19.14
C VAL A 103 -15.93 -2.78 -17.92
N PRO A 104 -14.95 -1.87 -18.03
CA PRO A 104 -14.64 -1.09 -16.82
C PRO A 104 -15.78 -0.15 -16.45
N LYS A 105 -16.02 0.00 -15.15
CA LYS A 105 -16.98 0.98 -14.66
C LYS A 105 -16.41 2.38 -14.93
N ALA A 106 -15.09 2.49 -14.86
CA ALA A 106 -14.42 3.78 -15.07
C ALA A 106 -12.95 3.56 -15.33
N VAL A 107 -12.20 4.64 -15.53
CA VAL A 107 -10.76 4.56 -15.72
C VAL A 107 -10.07 5.51 -14.74
N GLY A 108 -8.98 5.05 -14.15
CA GLY A 108 -8.16 5.90 -13.31
C GLY A 108 -6.93 6.30 -14.09
N ILE A 109 -6.60 7.60 -14.04
CA ILE A 109 -5.44 8.16 -14.72
C ILE A 109 -4.54 8.83 -13.71
N ILE A 110 -3.26 8.50 -13.74
CA ILE A 110 -2.32 9.05 -12.78
C ILE A 110 -1.13 9.71 -13.47
N ALA A 111 -1.04 11.02 -13.29
CA ALA A 111 0.12 11.77 -13.74
C ALA A 111 1.26 11.55 -12.75
N VAL A 112 2.35 10.95 -13.19
CA VAL A 112 3.48 10.69 -12.29
C VAL A 112 4.26 11.97 -12.00
N GLU A 113 4.58 12.21 -10.73
CA GLU A 113 5.29 13.42 -10.33
C GLU A 113 6.69 13.12 -9.80
N ARG A 114 6.81 12.10 -8.94
CA ARG A 114 8.14 11.72 -8.44
C ARG A 114 8.25 10.20 -8.30
N ILE A 115 9.47 9.71 -8.41
CA ILE A 115 9.76 8.28 -8.31
C ILE A 115 10.78 8.01 -7.22
N PHE A 116 10.54 7.00 -6.40
CA PHE A 116 11.44 6.65 -5.30
C PHE A 116 11.83 5.17 -5.31
N ASN A 117 13.04 4.88 -4.85
CA ASN A 117 13.50 3.50 -4.73
C ASN A 117 13.12 2.89 -3.39
N LEU A 118 13.04 1.57 -3.36
CA LEU A 118 12.86 0.83 -2.11
C LEU A 118 13.98 -0.19 -1.95
N MET B 1 -9.95 -11.45 17.78
CA MET B 1 -10.28 -10.53 16.68
C MET B 1 -9.61 -10.93 15.38
N ILE B 2 -8.28 -10.90 15.40
CA ILE B 2 -7.50 -11.44 14.30
C ILE B 2 -7.51 -12.96 14.41
N THR B 3 -8.09 -13.61 13.41
CA THR B 3 -8.31 -15.05 13.44
C THR B 3 -7.09 -15.84 13.00
N GLN B 4 -7.13 -17.15 13.18
CA GLN B 4 -6.02 -18.01 12.76
C GLN B 4 -5.87 -17.95 11.25
N GLU B 5 -7.01 -17.79 10.57
CA GLU B 5 -7.07 -17.66 9.13
C GLU B 5 -6.24 -16.45 8.70
N MET B 6 -6.45 -15.33 9.39
CA MET B 6 -5.71 -14.12 9.12
C MET B 6 -4.23 -14.31 9.43
N LYS B 7 -3.93 -14.95 10.57
CA LYS B 7 -2.55 -15.15 11.00
C LYS B 7 -1.73 -15.93 9.98
N ASP B 8 -2.32 -17.00 9.46
CA ASP B 8 -1.60 -17.83 8.48
C ASP B 8 -1.26 -17.02 7.25
N LEU B 9 -2.25 -16.28 6.73
CA LEU B 9 -2.01 -15.46 5.55
C LEU B 9 -0.97 -14.38 5.83
N ILE B 10 -1.07 -13.73 6.98
CA ILE B 10 -0.08 -12.76 7.44
C ILE B 10 1.34 -13.29 7.43
N ASN B 11 1.51 -14.45 8.06
CA ASN B 11 2.82 -15.07 8.25
CA ASN B 11 2.86 -14.98 8.27
C ASN B 11 3.59 -15.30 6.96
N ASN B 12 2.86 -15.46 5.86
CA ASN B 12 3.49 -15.75 4.57
C ASN B 12 3.80 -14.52 3.72
N GLN B 13 3.10 -13.41 3.96
CA GLN B 13 3.15 -12.31 3.01
C GLN B 13 3.86 -11.07 3.54
N LEU B 14 4.22 -10.17 2.61
CA LEU B 14 4.91 -8.94 2.95
C LEU B 14 3.92 -7.85 3.37
N ALA B 15 4.14 -7.27 4.54
CA ALA B 15 3.28 -6.19 5.01
C ALA B 15 3.51 -4.93 4.20
N MET B 16 2.44 -4.41 3.59
CA MET B 16 2.53 -3.12 2.90
C MET B 16 1.84 -2.08 3.76
N VAL B 17 2.59 -1.08 4.18
CA VAL B 17 2.12 -0.12 5.18
C VAL B 17 1.80 1.25 4.57
N ALA B 18 0.54 1.65 4.64
CA ALA B 18 0.12 2.93 4.11
C ALA B 18 -0.11 3.94 5.22
N THR B 19 0.47 5.11 5.05
CA THR B 19 0.33 6.21 5.99
C THR B 19 0.08 7.48 5.18
N VAL B 20 -0.01 8.62 5.85
CA VAL B 20 -0.25 9.88 5.15
C VAL B 20 0.49 11.00 5.88
N ASP B 21 1.11 11.93 5.13
CA ASP B 21 1.84 13.02 5.78
C ASP B 21 0.91 14.18 6.10
N ALA B 22 1.50 15.27 6.59
CA ALA B 22 0.73 16.43 7.04
C ALA B 22 -0.06 17.09 5.89
N LYS B 23 0.49 16.99 4.67
CA LYS B 23 -0.16 17.60 3.50
C LYS B 23 -1.13 16.66 2.80
N GLY B 24 -1.40 15.50 3.41
CA GLY B 24 -2.35 14.56 2.83
C GLY B 24 -1.81 13.66 1.72
N GLN B 25 -0.49 13.60 1.56
CA GLN B 25 0.12 12.69 0.59
C GLN B 25 0.27 11.28 1.18
N PRO B 26 -0.32 10.27 0.52
CA PRO B 26 -0.12 8.92 1.02
C PRO B 26 1.30 8.40 0.78
N ASN B 27 1.72 7.52 1.67
CA ASN B 27 2.98 6.81 1.56
C ASN B 27 2.77 5.31 1.71
N ILE B 28 3.49 4.51 0.94
CA ILE B 28 3.49 3.06 1.11
C ILE B 28 4.90 2.57 1.33
N GLY B 29 5.07 1.71 2.32
CA GLY B 29 6.35 1.10 2.56
C GLY B 29 6.18 -0.34 2.99
N PRO B 30 6.95 -1.26 2.38
CA PRO B 30 6.95 -2.63 2.88
C PRO B 30 7.63 -2.68 4.24
N LYS B 31 7.12 -3.50 5.15
CA LYS B 31 7.80 -3.69 6.42
C LYS B 31 7.95 -5.17 6.71
N ARG B 32 9.15 -5.71 6.48
CA ARG B 32 9.43 -7.13 6.67
C ARG B 32 9.24 -7.58 8.12
N SER B 33 9.50 -6.69 9.06
CA SER B 33 9.49 -7.07 10.48
C SER B 33 8.09 -7.02 11.09
N MET B 34 7.11 -6.55 10.32
CA MET B 34 5.73 -6.48 10.84
C MET B 34 5.29 -7.85 11.32
N ARG B 35 4.71 -7.87 12.52
CA ARG B 35 4.28 -9.12 13.14
C ARG B 35 3.22 -8.84 14.21
N LEU B 36 2.53 -9.89 14.64
CA LEU B 36 1.52 -9.71 15.67
C LEU B 36 2.18 -9.55 17.03
N TRP B 37 1.76 -8.54 17.80
CA TRP B 37 2.15 -8.43 19.19
C TRP B 37 1.18 -9.24 20.06
N ASP B 38 -0.11 -9.04 19.80
CA ASP B 38 -1.14 -9.93 20.31
C ASP B 38 -2.25 -9.93 19.25
N ASP B 39 -3.45 -10.42 19.58
CA ASP B 39 -4.44 -10.60 18.53
C ASP B 39 -5.23 -9.31 18.27
N LYS B 40 -4.71 -8.19 18.77
CA LYS B 40 -5.33 -6.90 18.49
C LYS B 40 -4.27 -5.84 18.21
N THR B 41 -3.03 -6.28 18.14
CA THR B 41 -1.92 -5.32 18.04
C THR B 41 -0.83 -5.83 17.11
N PHE B 42 -0.41 -4.95 16.20
CA PHE B 42 0.78 -5.21 15.38
C PHE B 42 1.98 -4.46 15.94
N ILE B 43 3.15 -5.02 15.71
CA ILE B 43 4.39 -4.36 16.08
C ILE B 43 5.39 -4.51 14.94
N TYR B 44 6.20 -3.49 14.68
CA TYR B 44 7.29 -3.68 13.72
C TYR B 44 8.55 -2.92 14.15
N ASN B 45 9.69 -3.35 13.63
CA ASN B 45 10.96 -2.71 13.94
C ASN B 45 11.26 -1.63 12.94
N GLU B 46 11.36 -0.39 13.41
CA GLU B 46 11.63 0.74 12.54
C GLU B 46 13.13 0.88 12.36
N ASN B 47 13.59 0.48 11.18
CA ASN B 47 15.01 0.45 10.86
C ASN B 47 15.39 1.58 9.92
N THR B 48 14.39 2.21 9.32
CA THR B 48 14.66 3.09 8.18
C THR B 48 14.65 4.59 8.50
N ASP B 49 13.85 5.00 9.48
CA ASP B 49 13.67 6.43 9.74
C ASP B 49 13.31 7.16 8.47
N GLY B 50 12.21 6.74 7.86
CA GLY B 50 11.74 7.34 6.63
C GLY B 50 10.35 7.91 6.77
N GLN B 51 9.60 7.89 5.68
CA GLN B 51 8.33 8.59 5.64
C GLN B 51 7.28 7.91 6.53
N THR B 52 7.39 6.59 6.69
CA THR B 52 6.43 5.88 7.52
C THR B 52 6.55 6.37 8.97
N ARG B 53 7.76 6.45 9.49
CA ARG B 53 7.94 6.92 10.87
C ARG B 53 7.46 8.36 11.06
N ILE B 54 7.78 9.23 10.10
CA ILE B 54 7.32 10.62 10.14
C ILE B 54 5.79 10.69 10.21
N ASN B 55 5.11 9.99 9.30
CA ASN B 55 3.65 10.05 9.20
C ASN B 55 2.97 9.53 10.45
N ILE B 56 3.48 8.42 10.97
CA ILE B 56 2.94 7.85 12.21
C ILE B 56 3.03 8.87 13.37
N GLU B 57 4.18 9.50 13.54
CA GLU B 57 4.31 10.50 14.60
C GLU B 57 3.42 11.70 14.29
N ASP B 58 3.31 12.03 13.01
CA ASP B 58 2.54 13.20 12.63
C ASP B 58 1.07 13.08 12.98
N ASN B 59 0.46 11.93 12.69
CA ASN B 59 -0.98 11.81 12.88
C ASN B 59 -1.48 10.42 13.28
N GLY B 60 -0.61 9.42 13.24
CA GLY B 60 -0.98 8.10 13.76
C GLY B 60 -1.86 7.22 12.91
N LYS B 61 -2.41 7.74 11.81
CA LYS B 61 -3.35 6.96 11.01
C LYS B 61 -2.66 6.02 10.02
N ILE B 62 -3.17 4.79 9.92
CA ILE B 62 -2.44 3.76 9.22
C ILE B 62 -3.36 2.66 8.69
N GLU B 63 -2.96 2.03 7.59
CA GLU B 63 -3.57 0.78 7.19
C GLU B 63 -2.45 -0.14 6.75
N ILE B 64 -2.57 -1.43 7.08
CA ILE B 64 -1.59 -2.44 6.68
C ILE B 64 -2.27 -3.49 5.80
N ALA B 65 -1.72 -3.74 4.61
CA ALA B 65 -2.27 -4.76 3.72
C ALA B 65 -1.33 -5.94 3.55
N PHE B 66 -1.91 -7.13 3.49
CA PHE B 66 -1.22 -8.38 3.19
C PHE B 66 -1.97 -9.02 2.03
N VAL B 67 -1.28 -9.34 0.95
CA VAL B 67 -1.94 -9.94 -0.21
C VAL B 67 -1.32 -11.28 -0.57
N ASP B 68 -2.18 -12.30 -0.60
CA ASP B 68 -1.84 -13.62 -1.10
C ASP B 68 -2.06 -13.64 -2.62
N ARG B 69 -0.96 -13.54 -3.36
CA ARG B 69 -1.08 -13.32 -4.80
C ARG B 69 -1.45 -14.61 -5.55
N GLU B 70 -1.40 -15.74 -4.86
CA GLU B 70 -1.74 -17.00 -5.51
C GLU B 70 -3.25 -17.17 -5.69
N ARG B 71 -4.03 -16.40 -4.93
CA ARG B 71 -5.48 -16.45 -5.01
C ARG B 71 -6.11 -15.05 -5.02
N LEU B 72 -5.28 -14.02 -5.00
CA LEU B 72 -5.75 -12.66 -4.71
C LEU B 72 -6.72 -12.71 -3.52
N LEU B 73 -6.22 -13.23 -2.41
CA LEU B 73 -6.88 -13.12 -1.13
C LEU B 73 -5.98 -12.27 -0.26
N GLY B 74 -6.56 -11.57 0.70
CA GLY B 74 -5.74 -10.83 1.63
C GLY B 74 -6.56 -10.19 2.71
N TYR B 75 -5.87 -9.52 3.61
CA TYR B 75 -6.53 -8.81 4.69
C TYR B 75 -5.91 -7.45 4.85
N ARG B 76 -6.73 -6.49 5.23
CA ARG B 76 -6.27 -5.14 5.48
C ARG B 76 -6.68 -4.71 6.89
N PHE B 77 -5.76 -4.03 7.57
CA PHE B 77 -5.96 -3.70 8.97
C PHE B 77 -5.86 -2.19 9.18
N VAL B 78 -6.97 -1.61 9.61
CA VAL B 78 -7.02 -0.19 9.93
C VAL B 78 -6.84 -0.01 11.42
N GLY B 79 -5.94 0.88 11.81
CA GLY B 79 -5.71 1.12 13.22
C GLY B 79 -5.10 2.47 13.49
N THR B 80 -4.62 2.66 14.71
CA THR B 80 -3.89 3.85 15.05
C THR B 80 -2.51 3.42 15.50
N ALA B 81 -1.51 4.23 15.19
CA ALA B 81 -0.15 3.78 15.37
C ALA B 81 0.63 4.80 16.17
N GLU B 82 1.68 4.33 16.81
CA GLU B 82 2.60 5.25 17.42
C GLU B 82 3.98 4.70 17.25
N ILE B 83 4.95 5.59 17.42
CA ILE B 83 6.36 5.27 17.34
C ILE B 83 6.96 5.45 18.74
N GLN B 84 7.71 4.45 19.21
CA GLN B 84 8.38 4.58 20.52
C GLN B 84 9.87 4.20 20.47
N THR B 85 10.67 4.82 21.32
CA THR B 85 12.11 4.61 21.28
C THR B 85 12.64 4.09 22.60
N GLU B 86 11.73 3.92 23.55
CA GLU B 86 12.05 3.37 24.85
C GLU B 86 10.82 2.76 25.48
N GLY B 87 11.02 1.84 26.42
CA GLY B 87 9.91 1.20 27.08
C GLY B 87 9.68 -0.22 26.62
N ALA B 88 8.61 -0.82 27.13
CA ALA B 88 8.37 -2.23 26.97
C ALA B 88 8.31 -2.69 25.51
N TYR B 89 7.47 -2.02 24.71
CA TYR B 89 7.37 -2.35 23.28
C TYR B 89 8.73 -2.30 22.61
N TYR B 90 9.46 -1.22 22.87
CA TYR B 90 10.77 -1.05 22.26
C TYR B 90 11.74 -2.13 22.70
N GLU B 91 11.71 -2.47 23.99
CA GLU B 91 12.62 -3.49 24.50
C GLU B 91 12.33 -4.86 23.91
N ALA B 92 11.04 -5.19 23.78
CA ALA B 92 10.68 -6.45 23.14
C ALA B 92 11.22 -6.48 21.72
N ALA B 93 11.07 -5.36 21.01
CA ALA B 93 11.53 -5.29 19.62
C ALA B 93 13.04 -5.42 19.55
N LYS B 94 13.72 -4.87 20.55
CA LYS B 94 15.17 -4.93 20.61
C LYS B 94 15.60 -6.37 20.83
N LYS B 95 14.91 -7.06 21.74
CA LYS B 95 15.17 -8.47 22.00
C LYS B 95 14.93 -9.30 20.74
N TRP B 96 13.81 -9.05 20.07
CA TRP B 96 13.44 -9.76 18.86
C TRP B 96 14.45 -9.60 17.74
N ALA B 97 15.12 -8.44 17.68
CA ALA B 97 16.02 -8.15 16.58
C ALA B 97 17.35 -8.90 16.70
N GLN B 98 17.71 -9.27 17.92
CA GLN B 98 18.97 -9.96 18.16
C GLN B 98 19.01 -11.27 17.38
N GLY B 99 20.03 -11.41 16.52
CA GLY B 99 20.13 -12.57 15.67
C GLY B 99 19.50 -12.37 14.29
N ARG B 100 18.48 -11.52 14.22
CA ARG B 100 17.76 -11.30 12.95
C ARG B 100 18.26 -10.09 12.18
N MET B 101 18.35 -8.95 12.84
CA MET B 101 18.75 -7.69 12.20
C MET B 101 19.44 -6.79 13.21
N GLY B 102 19.72 -5.54 12.82
CA GLY B 102 20.37 -4.60 13.70
C GLY B 102 19.46 -4.06 14.79
N VAL B 103 20.04 -3.26 15.69
CA VAL B 103 19.26 -2.65 16.78
C VAL B 103 18.27 -1.66 16.17
N PRO B 104 16.97 -1.77 16.54
CA PRO B 104 15.93 -0.92 15.96
C PRO B 104 16.09 0.55 16.36
N LYS B 105 15.93 1.45 15.41
CA LYS B 105 15.95 2.88 15.73
C LYS B 105 14.74 3.21 16.59
N ALA B 106 13.64 2.53 16.30
CA ALA B 106 12.43 2.71 17.07
C ALA B 106 11.55 1.51 16.87
N VAL B 107 10.42 1.49 17.58
CA VAL B 107 9.43 0.45 17.36
C VAL B 107 8.11 1.11 16.94
N GLY B 108 7.40 0.46 16.03
CA GLY B 108 6.11 0.95 15.64
C GLY B 108 5.06 0.04 16.22
N ILE B 109 4.00 0.62 16.78
CA ILE B 109 2.93 -0.18 17.35
C ILE B 109 1.59 0.20 16.75
N ILE B 110 0.81 -0.80 16.32
CA ILE B 110 -0.47 -0.54 15.68
C ILE B 110 -1.60 -1.23 16.38
N ALA B 111 -2.51 -0.43 16.93
CA ALA B 111 -3.72 -0.93 17.58
C ALA B 111 -4.81 -1.11 16.53
N VAL B 112 -5.20 -2.36 16.31
CA VAL B 112 -6.12 -2.68 15.22
C VAL B 112 -7.55 -2.30 15.60
N GLU B 113 -8.19 -1.50 14.75
CA GLU B 113 -9.59 -1.11 14.99
C GLU B 113 -10.59 -1.77 14.05
N ARG B 114 -10.21 -1.95 12.79
CA ARG B 114 -11.10 -2.59 11.80
C ARG B 114 -10.30 -3.51 10.87
N ILE B 115 -10.94 -4.58 10.42
CA ILE B 115 -10.31 -5.52 9.50
C ILE B 115 -11.18 -5.77 8.28
N PHE B 116 -10.63 -5.56 7.09
CA PHE B 116 -11.32 -5.86 5.83
C PHE B 116 -10.58 -6.98 5.08
N ASN B 117 -11.25 -7.63 4.15
CA ASN B 117 -10.51 -8.43 3.17
C ASN B 117 -10.32 -7.56 1.93
N LEU B 118 -10.08 -8.18 0.77
CA LEU B 118 -9.75 -7.38 -0.42
C LEU B 118 -10.96 -6.92 -1.21
N GLN B 119 -12.15 -7.35 -0.82
CA GLN B 119 -13.35 -7.03 -1.61
C GLN B 119 -13.76 -5.56 -1.50
N SER B 120 -14.61 -5.14 -2.43
CA SER B 120 -15.10 -3.75 -2.54
C SER B 120 -13.96 -2.81 -2.85
S SO4 C . -8.20 -4.83 -11.23
O1 SO4 C . -8.23 -5.66 -12.43
O2 SO4 C . -7.56 -5.61 -10.15
O3 SO4 C . -9.56 -4.45 -10.83
O4 SO4 C . -7.37 -3.66 -11.51
S SO4 D . -14.11 -8.18 -13.61
O1 SO4 D . -13.33 -8.96 -14.58
O2 SO4 D . -14.68 -9.09 -12.62
O3 SO4 D . -15.18 -7.47 -14.33
O4 SO4 D . -13.25 -7.21 -12.93
S SO4 E . 9.46 3.96 4.47
O1 SO4 E . 10.41 4.32 3.41
O2 SO4 E . 9.62 2.55 4.79
O3 SO4 E . 8.09 4.20 4.03
O4 SO4 E . 9.72 4.78 5.65
S SO4 F . 12.02 -3.98 7.86
O1 SO4 F . 12.75 -5.16 8.33
O2 SO4 F . 11.65 -4.17 6.45
O3 SO4 F . 12.89 -2.80 7.98
O4 SO4 F . 10.82 -3.80 8.67
S SO4 G . -10.90 -0.83 -2.01
O1 SO4 G . -10.78 -0.17 -3.31
O2 SO4 G . -10.56 -2.24 -2.18
O3 SO4 G . -12.26 -0.72 -1.47
O4 SO4 G . -9.98 -0.20 -1.07
S SO4 H . -4.83 -5.99 27.79
O1 SO4 H . -4.82 -6.98 26.72
O2 SO4 H . -5.01 -6.66 29.09
O3 SO4 H . -5.93 -5.04 27.55
O4 SO4 H . -3.56 -5.26 27.81
C1 GOL I . -5.54 -10.77 23.64
O1 GOL I . -6.91 -11.11 23.48
C2 GOL I . -4.70 -12.04 23.55
O2 GOL I . -3.80 -12.00 24.65
C3 GOL I . -3.90 -11.98 22.25
O3 GOL I . -3.41 -13.24 21.84
C1 GOL J . 3.25 -17.30 -2.39
O1 GOL J . 2.23 -16.37 -2.10
C2 GOL J . 4.61 -16.60 -2.41
O2 GOL J . 4.45 -15.21 -2.55
C3 GOL J . 5.33 -16.90 -1.10
O3 GOL J . 6.72 -16.98 -1.34
#